data_5WPN
#
_entry.id   5WPN
#
_cell.length_a   181.870
_cell.length_b   181.870
_cell.length_c   181.870
_cell.angle_alpha   90.00
_cell.angle_beta   90.00
_cell.angle_gamma   90.00
#
_symmetry.space_group_name_H-M   'F 4 3 2'
#
loop_
_entity.id
_entity.type
_entity.pdbx_description
1 polymer Ferritin
2 non-polymer 'ZINC ION'
3 non-polymer 'CALCIUM ION'
4 non-polymer 'CHLORIDE ION'
5 non-polymer DI(HYDROXYETHYL)ETHER
6 non-polymer 1,2-ETHANEDIOL
7 water water
#
_entity_poly.entity_id   1
_entity_poly.type   'polypeptide(L)'
_entity_poly.pdbx_seq_one_letter_code
;AQTQPRQNYASDVEAGINKQINLELYASYVYQSMAWFFDRDDIALKGFHKFFKHQSEEEREHAEKLMQYQNKRGGRIVLQ
DIQKPERDEWGTGLEAMQVALALEKNVNQSLLDLHKVGAGHDDAHLCDFLEEHYLEEQVKSIKELSDYVTNLKRVGPGLG
EYMFDKESLSS
;
_entity_poly.pdbx_strand_id   A
#
loop_
_chem_comp.id
_chem_comp.type
_chem_comp.name
_chem_comp.formula
CA non-polymer 'CALCIUM ION' 'Ca 2'
CL non-polymer 'CHLORIDE ION' 'Cl -1'
EDO non-polymer 1,2-ETHANEDIOL 'C2 H6 O2'
PEG non-polymer DI(HYDROXYETHYL)ETHER 'C4 H10 O3'
ZN non-polymer 'ZINC ION' 'Zn 2'
#
# COMPACT_ATOMS: atom_id res chain seq x y z
N GLN A 2 0.80 -10.40 31.03
CA GLN A 2 0.35 -9.95 29.72
C GLN A 2 -0.42 -8.65 29.84
N THR A 3 -0.63 -7.98 28.71
CA THR A 3 -1.29 -6.68 28.79
C THR A 3 -2.78 -6.90 29.07
N GLN A 4 -3.43 -5.86 29.60
CA GLN A 4 -4.82 -5.98 30.01
C GLN A 4 -5.71 -6.55 28.92
N PRO A 5 -5.62 -6.11 27.67
CA PRO A 5 -6.57 -6.62 26.66
C PRO A 5 -6.26 -8.00 26.13
N ARG A 6 -5.03 -8.48 26.31
CA ARG A 6 -4.56 -9.53 25.41
C ARG A 6 -5.38 -10.80 25.56
N GLN A 7 -5.86 -11.32 24.43
CA GLN A 7 -6.62 -12.56 24.43
C GLN A 7 -6.61 -13.13 23.03
N ASN A 8 -6.17 -14.39 22.91
CA ASN A 8 -6.13 -15.09 21.62
C ASN A 8 -5.25 -14.38 20.60
N TYR A 9 -4.13 -13.82 21.06
CA TYR A 9 -3.27 -12.99 20.20
C TYR A 9 -1.87 -13.55 20.25
N ALA A 10 -1.51 -14.27 19.18
CA ALA A 10 -0.24 -14.98 19.15
C ALA A 10 0.91 -14.00 18.94
N SER A 11 2.07 -14.35 19.50
CA SER A 11 3.24 -13.50 19.36
CA SER A 11 3.25 -13.51 19.36
C SER A 11 3.62 -13.31 17.90
N ASP A 12 3.47 -14.35 17.07
CA ASP A 12 3.87 -14.16 15.67
C ASP A 12 2.86 -13.33 14.89
N VAL A 13 1.60 -13.27 15.32
CA VAL A 13 0.67 -12.31 14.72
C VAL A 13 1.05 -10.89 15.12
N GLU A 14 1.34 -10.67 16.41
CA GLU A 14 1.80 -9.35 16.87
C GLU A 14 3.01 -8.88 16.07
N ALA A 15 3.97 -9.79 15.87
CA ALA A 15 5.15 -9.43 15.07
C ALA A 15 4.77 -9.14 13.62
N GLY A 16 3.83 -9.92 13.07
CA GLY A 16 3.43 -9.71 11.70
C GLY A 16 2.74 -8.38 11.50
N ILE A 17 2.00 -7.93 12.52
CA ILE A 17 1.38 -6.60 12.46
C ILE A 17 2.47 -5.53 12.41
N ASN A 18 3.52 -5.66 13.23
CA ASN A 18 4.61 -4.68 13.19
C ASN A 18 5.30 -4.71 11.83
N LYS A 19 5.51 -5.89 11.25
CA LYS A 19 6.08 -5.96 9.91
CA LYS A 19 6.08 -5.96 9.91
C LYS A 19 5.20 -5.26 8.88
N GLN A 20 3.88 -5.47 8.97
CA GLN A 20 3.00 -4.86 8.00
C GLN A 20 2.99 -3.36 8.15
N ILE A 21 3.08 -2.86 9.38
CA ILE A 21 3.17 -1.41 9.61
C ILE A 21 4.32 -0.82 8.81
N ASN A 22 5.50 -1.43 8.91
CA ASN A 22 6.64 -0.90 8.19
C ASN A 22 6.42 -0.96 6.69
N LEU A 23 5.81 -2.04 6.19
CA LEU A 23 5.61 -2.18 4.76
C LEU A 23 4.65 -1.11 4.23
N GLU A 24 3.58 -0.81 4.98
CA GLU A 24 2.64 0.23 4.57
C GLU A 24 3.32 1.60 4.57
N LEU A 25 4.11 1.90 5.60
CA LEU A 25 4.88 3.15 5.63
C LEU A 25 5.86 3.23 4.46
N TYR A 26 6.50 2.11 4.14
CA TYR A 26 7.38 2.07 2.98
C TYR A 26 6.61 2.38 1.70
N ALA A 27 5.46 1.73 1.50
CA ALA A 27 4.67 1.99 0.32
C ALA A 27 4.24 3.45 0.24
N SER A 28 3.90 4.03 1.40
CA SER A 28 3.57 5.44 1.43
C SER A 28 4.72 6.27 0.91
N TYR A 29 5.95 5.90 1.32
CA TYR A 29 7.12 6.68 0.93
C TYR A 29 7.43 6.54 -0.55
N VAL A 30 7.30 5.31 -1.09
CA VAL A 30 7.43 5.13 -2.53
C VAL A 30 6.46 6.01 -3.29
N TYR A 31 5.18 5.99 -2.90
CA TYR A 31 4.22 6.80 -3.64
C TYR A 31 4.48 8.29 -3.49
N GLN A 32 4.97 8.73 -2.32
CA GLN A 32 5.33 10.13 -2.14
C GLN A 32 6.45 10.52 -3.09
N SER A 33 7.46 9.65 -3.22
CA SER A 33 8.53 9.91 -4.18
C SER A 33 7.98 10.03 -5.58
N MET A 34 7.10 9.11 -5.96
CA MET A 34 6.52 9.16 -7.30
C MET A 34 5.71 10.43 -7.48
N ALA A 35 4.91 10.82 -6.48
CA ALA A 35 4.07 12.01 -6.63
C ALA A 35 4.92 13.23 -6.96
N TRP A 36 6.01 13.43 -6.23
CA TRP A 36 6.78 14.64 -6.45
C TRP A 36 7.68 14.55 -7.66
N PHE A 37 8.02 13.34 -8.11
CA PHE A 37 8.67 13.19 -9.41
C PHE A 37 7.79 13.75 -10.53
N PHE A 38 6.47 13.48 -10.47
CA PHE A 38 5.60 13.96 -11.53
C PHE A 38 5.28 15.45 -11.41
N ASP A 39 5.71 16.11 -10.34
CA ASP A 39 5.66 17.56 -10.20
C ASP A 39 6.94 18.25 -10.70
N ARG A 40 7.98 17.50 -11.05
CA ARG A 40 9.17 18.11 -11.64
C ARG A 40 8.80 18.87 -12.89
N ASP A 41 9.53 19.97 -13.14
CA ASP A 41 9.25 20.81 -14.30
C ASP A 41 9.48 20.08 -15.62
N ASP A 42 10.35 19.07 -15.63
CA ASP A 42 10.64 18.33 -16.85
C ASP A 42 9.80 17.06 -16.98
N ILE A 43 8.86 16.84 -16.06
CA ILE A 43 7.94 15.72 -16.13
C ILE A 43 6.53 16.29 -16.26
N ALA A 44 6.09 17.01 -15.23
CA ALA A 44 4.95 17.92 -15.30
C ALA A 44 3.66 17.23 -15.75
N LEU A 45 3.27 16.20 -15.00
CA LEU A 45 1.98 15.53 -15.20
C LEU A 45 1.18 15.61 -13.90
N LYS A 46 0.29 16.61 -13.81
CA LYS A 46 -0.40 16.90 -12.56
C LYS A 46 -1.35 15.79 -12.13
N GLY A 47 -1.98 15.09 -13.09
CA GLY A 47 -2.88 14.01 -12.73
C GLY A 47 -2.13 12.85 -12.10
N PHE A 48 -0.99 12.48 -12.67
CA PHE A 48 -0.14 11.47 -12.04
C PHE A 48 0.31 11.96 -10.67
N HIS A 49 0.73 13.23 -10.57
CA HIS A 49 1.12 13.80 -9.29
C HIS A 49 0.03 13.59 -8.26
N LYS A 50 -1.20 13.99 -8.61
CA LYS A 50 -2.29 13.92 -7.64
C LYS A 50 -2.67 12.49 -7.33
N PHE A 51 -2.61 11.61 -8.34
CA PHE A 51 -2.93 10.20 -8.10
C PHE A 51 -1.96 9.60 -7.10
N PHE A 52 -0.66 9.79 -7.31
CA PHE A 52 0.26 9.16 -6.39
C PHE A 52 0.29 9.84 -5.03
N LYS A 53 0.00 11.15 -4.97
CA LYS A 53 -0.16 11.82 -3.68
C LYS A 53 -1.27 11.17 -2.87
N HIS A 54 -2.39 10.89 -3.54
CA HIS A 54 -3.52 10.23 -2.89
C HIS A 54 -3.14 8.83 -2.45
N GLN A 55 -2.44 8.09 -3.31
CA GLN A 55 -2.01 6.74 -2.94
C GLN A 55 -1.10 6.77 -1.72
N SER A 56 -0.19 7.74 -1.66
CA SER A 56 0.69 7.86 -0.49
C SER A 56 -0.10 8.11 0.79
N GLU A 57 -1.07 9.02 0.70
CA GLU A 57 -1.90 9.32 1.87
C GLU A 57 -2.67 8.07 2.32
N GLU A 58 -3.21 7.32 1.37
N GLU A 58 -3.17 7.30 1.36
CA GLU A 58 -3.93 6.11 1.73
CA GLU A 58 -4.62 5.39 1.98
CA GLU A 58 -3.94 6.10 1.69
C GLU A 58 -3.02 5.16 2.47
C GLU A 58 -3.06 5.06 2.38
N GLU A 59 -1.80 4.94 1.96
CA GLU A 59 -0.90 3.98 2.61
C GLU A 59 -0.60 4.39 4.04
N ARG A 60 -0.45 5.68 4.28
CA ARG A 60 -0.23 6.15 5.65
C ARG A 60 -1.43 5.82 6.52
N GLU A 61 -2.64 6.00 5.97
CA GLU A 61 -3.85 5.56 6.67
C GLU A 61 -3.79 4.07 6.99
N HIS A 62 -3.38 3.25 6.01
CA HIS A 62 -3.28 1.80 6.24
C HIS A 62 -2.34 1.51 7.40
N ALA A 63 -1.22 2.21 7.45
CA ALA A 63 -0.27 2.00 8.54
C ALA A 63 -0.85 2.39 9.88
N GLU A 64 -1.54 3.54 9.94
CA GLU A 64 -2.09 4.01 11.20
C GLU A 64 -3.16 3.06 11.71
N LYS A 65 -3.97 2.50 10.80
N LYS A 65 -3.99 2.51 10.81
N LYS A 65 -3.97 2.50 10.80
CA LYS A 65 -5.00 1.57 11.23
CA LYS A 65 -4.99 1.57 11.26
CA LYS A 65 -5.00 1.57 11.23
C LYS A 65 -4.38 0.31 11.82
C LYS A 65 -4.35 0.34 11.88
C LYS A 65 -4.38 0.32 11.83
N LEU A 66 -3.20 -0.08 11.35
CA LEU A 66 -2.50 -1.23 11.95
C LEU A 66 -1.89 -0.86 13.29
N MET A 67 -1.42 0.38 13.46
CA MET A 67 -0.95 0.84 14.75
C MET A 67 -2.07 0.79 15.78
N GLN A 68 -3.24 1.30 15.39
CA GLN A 68 -4.40 1.20 16.25
C GLN A 68 -4.76 -0.24 16.59
N TYR A 69 -4.70 -1.12 15.58
CA TYR A 69 -5.03 -2.52 15.77
C TYR A 69 -4.12 -3.17 16.80
N GLN A 70 -2.81 -2.94 16.66
CA GLN A 70 -1.85 -3.48 17.60
C GLN A 70 -2.22 -3.13 19.03
N ASN A 71 -2.49 -1.86 19.30
CA ASN A 71 -2.87 -1.46 20.65
C ASN A 71 -4.21 -2.06 21.09
N LYS A 72 -5.18 -2.18 20.17
CA LYS A 72 -6.48 -2.73 20.56
C LYS A 72 -6.37 -4.15 21.05
N ARG A 73 -5.46 -4.93 20.45
CA ARG A 73 -5.26 -6.31 20.85
C ARG A 73 -4.30 -6.47 22.02
N GLY A 74 -3.66 -5.40 22.46
CA GLY A 74 -2.71 -5.49 23.55
C GLY A 74 -1.30 -5.84 23.10
N GLY A 75 -1.04 -5.78 21.80
CA GLY A 75 0.31 -5.89 21.31
C GLY A 75 1.03 -4.57 21.48
N ARG A 76 2.31 -4.55 21.13
CA ARG A 76 3.12 -3.35 21.29
C ARG A 76 3.79 -3.01 19.98
N ILE A 77 3.59 -1.75 19.57
CA ILE A 77 4.12 -1.24 18.33
C ILE A 77 5.62 -1.11 18.44
N VAL A 78 6.35 -1.69 17.49
CA VAL A 78 7.80 -1.56 17.41
C VAL A 78 8.12 -1.08 16.00
N LEU A 79 8.52 0.19 15.88
CA LEU A 79 8.77 0.81 14.59
C LEU A 79 10.19 0.51 14.13
N GLN A 80 10.35 0.44 12.82
CA GLN A 80 11.65 0.25 12.17
C GLN A 80 11.91 1.40 11.20
N ASP A 81 13.15 1.52 10.73
CA ASP A 81 13.42 2.54 9.74
C ASP A 81 12.52 2.39 8.53
N ILE A 82 12.19 3.51 7.89
CA ILE A 82 11.48 3.49 6.61
CA ILE A 82 11.49 3.50 6.61
C ILE A 82 12.56 3.65 5.54
N GLN A 83 12.85 2.57 4.84
CA GLN A 83 13.86 2.62 3.80
C GLN A 83 13.44 3.54 2.66
N LYS A 84 14.42 4.24 2.11
CA LYS A 84 14.18 5.05 0.94
C LYS A 84 13.81 4.16 -0.23
N PRO A 85 13.00 4.65 -1.15
CA PRO A 85 12.65 3.86 -2.34
C PRO A 85 13.88 3.48 -3.17
N GLU A 86 13.61 2.53 -4.07
CA GLU A 86 14.67 1.94 -4.89
C GLU A 86 15.25 2.93 -5.89
N ARG A 87 14.44 3.90 -6.29
CA ARG A 87 14.79 4.84 -7.34
C ARG A 87 14.49 6.24 -6.85
N ASP A 88 15.17 7.21 -7.46
CA ASP A 88 14.88 8.64 -7.29
C ASP A 88 13.96 9.17 -8.39
N GLU A 89 13.91 8.47 -9.53
N GLU A 89 13.98 8.54 -9.56
CA GLU A 89 13.19 8.88 -10.73
CA GLU A 89 13.11 8.91 -10.67
C GLU A 89 12.46 7.66 -11.29
C GLU A 89 12.34 7.67 -11.09
N TRP A 90 11.24 7.88 -11.81
CA TRP A 90 10.30 6.80 -12.04
C TRP A 90 9.83 6.64 -13.48
N GLY A 91 10.45 7.33 -14.42
CA GLY A 91 10.22 7.08 -15.83
C GLY A 91 8.89 7.64 -16.31
N THR A 92 8.32 6.96 -17.27
CA THR A 92 7.06 7.42 -17.85
C THR A 92 5.87 7.13 -16.93
N GLY A 93 4.73 7.70 -17.27
CA GLY A 93 3.52 7.36 -16.54
C GLY A 93 3.26 5.87 -16.54
N LEU A 94 3.41 5.22 -17.70
CA LEU A 94 3.27 3.78 -17.77
C LEU A 94 4.23 3.07 -16.82
N GLU A 95 5.49 3.47 -16.83
CA GLU A 95 6.48 2.77 -16.00
C GLU A 95 6.16 2.93 -14.51
N ALA A 96 5.72 4.13 -14.11
CA ALA A 96 5.36 4.33 -12.70
C ALA A 96 4.16 3.49 -12.31
N MET A 97 3.16 3.40 -13.19
CA MET A 97 2.00 2.55 -12.88
C MET A 97 2.39 1.09 -12.78
N GLN A 98 3.34 0.64 -13.62
CA GLN A 98 3.82 -0.73 -13.52
C GLN A 98 4.53 -0.98 -12.19
N VAL A 99 5.34 -0.01 -11.73
CA VAL A 99 5.97 -0.11 -10.41
C VAL A 99 4.92 -0.18 -9.33
N ALA A 100 3.90 0.68 -9.40
CA ALA A 100 2.84 0.68 -8.40
C ALA A 100 2.11 -0.65 -8.36
N LEU A 101 1.79 -1.21 -9.52
CA LEU A 101 1.12 -2.50 -9.57
C LEU A 101 1.93 -3.58 -8.88
N ALA A 102 3.23 -3.63 -9.19
CA ALA A 102 4.10 -4.65 -8.58
C ALA A 102 4.18 -4.44 -7.07
N LEU A 103 4.23 -3.17 -6.64
CA LEU A 103 4.27 -2.89 -5.22
C LEU A 103 3.01 -3.36 -4.52
N GLU A 104 1.86 -3.08 -5.12
CA GLU A 104 0.60 -3.47 -4.50
C GLU A 104 0.44 -4.98 -4.43
N LYS A 105 0.96 -5.72 -5.42
CA LYS A 105 0.90 -7.17 -5.33
C LYS A 105 1.84 -7.70 -4.26
N ASN A 106 2.98 -7.03 -4.03
CA ASN A 106 3.86 -7.37 -2.92
CA ASN A 106 3.85 -7.41 -2.92
C ASN A 106 3.17 -7.16 -1.58
N VAL A 107 2.52 -6.00 -1.41
CA VAL A 107 1.81 -5.71 -0.17
C VAL A 107 0.67 -6.72 0.04
N ASN A 108 -0.03 -7.07 -1.04
CA ASN A 108 -1.12 -8.05 -0.96
C ASN A 108 -0.59 -9.40 -0.48
N GLN A 109 0.55 -9.85 -1.02
CA GLN A 109 1.09 -11.13 -0.59
C GLN A 109 1.42 -11.10 0.89
N SER A 110 1.97 -9.99 1.35
CA SER A 110 2.26 -9.83 2.78
CA SER A 110 2.27 -9.86 2.77
C SER A 110 1.00 -9.95 3.61
N LEU A 111 -0.09 -9.33 3.16
CA LEU A 111 -1.35 -9.37 3.90
C LEU A 111 -1.95 -10.77 3.92
N LEU A 112 -1.88 -11.47 2.77
CA LEU A 112 -2.38 -12.84 2.70
C LEU A 112 -1.53 -13.76 3.58
N ASP A 113 -0.21 -13.53 3.62
CA ASP A 113 0.63 -14.31 4.52
C ASP A 113 0.22 -14.10 5.97
N LEU A 114 -0.04 -12.84 6.35
CA LEU A 114 -0.51 -12.53 7.70
C LEU A 114 -1.84 -13.19 8.01
N HIS A 115 -2.75 -13.16 7.05
CA HIS A 115 -4.03 -13.84 7.23
C HIS A 115 -3.82 -15.32 7.51
N LYS A 116 -2.90 -15.94 6.78
CA LYS A 116 -2.66 -17.37 6.95
C LYS A 116 -2.06 -17.66 8.31
N VAL A 117 -1.13 -16.83 8.78
CA VAL A 117 -0.60 -16.98 10.13
C VAL A 117 -1.73 -16.92 11.15
N GLY A 118 -2.58 -15.89 11.05
CA GLY A 118 -3.67 -15.78 12.00
C GLY A 118 -4.63 -16.95 11.95
N ALA A 119 -4.93 -17.44 10.73
CA ALA A 119 -5.85 -18.56 10.61
C ALA A 119 -5.32 -19.80 11.31
N GLY A 120 -4.01 -20.03 11.24
CA GLY A 120 -3.42 -21.15 11.96
C GLY A 120 -3.58 -21.06 13.46
N HIS A 121 -3.78 -19.85 13.98
CA HIS A 121 -3.97 -19.61 15.40
C HIS A 121 -5.44 -19.32 15.75
N ASP A 122 -6.35 -19.60 14.81
CA ASP A 122 -7.77 -19.37 15.01
CA ASP A 122 -7.79 -19.35 14.95
C ASP A 122 -8.05 -17.93 15.42
N ASP A 123 -7.30 -16.99 14.86
CA ASP A 123 -7.47 -15.58 15.22
C ASP A 123 -8.50 -14.97 14.29
N ALA A 124 -9.76 -15.19 14.66
CA ALA A 124 -10.88 -14.71 13.87
C ALA A 124 -10.97 -13.20 13.87
N HIS A 125 -10.54 -12.56 14.96
CA HIS A 125 -10.59 -11.08 14.97
C HIS A 125 -9.60 -10.51 13.96
N LEU A 126 -8.40 -11.10 13.88
CA LEU A 126 -7.45 -10.66 12.85
C LEU A 126 -8.01 -10.91 11.46
N CYS A 127 -8.60 -12.09 11.26
CA CYS A 127 -9.21 -12.40 9.98
C CYS A 127 -10.20 -11.32 9.59
N ASP A 128 -11.14 -11.04 10.50
CA ASP A 128 -12.14 -10.01 10.24
C ASP A 128 -11.50 -8.68 9.89
N PHE A 129 -10.47 -8.29 10.64
CA PHE A 129 -9.85 -6.99 10.41
C PHE A 129 -9.26 -6.92 9.01
N LEU A 130 -8.59 -7.99 8.58
CA LEU A 130 -8.01 -7.99 7.24
C LEU A 130 -9.09 -8.03 6.16
N GLU A 131 -10.14 -8.83 6.36
CA GLU A 131 -11.23 -8.89 5.39
C GLU A 131 -11.96 -7.54 5.31
N GLU A 132 -12.20 -6.89 6.44
N GLU A 132 -12.21 -6.90 6.45
CA GLU A 132 -12.99 -5.67 6.41
CA GLU A 132 -12.98 -5.66 6.46
C GLU A 132 -12.20 -4.48 5.85
C GLU A 132 -12.20 -4.52 5.82
N HIS A 133 -10.89 -4.43 6.08
CA HIS A 133 -10.12 -3.22 5.81
C HIS A 133 -8.99 -3.35 4.80
N TYR A 134 -8.52 -4.56 4.47
CA TYR A 134 -7.30 -4.70 3.71
C TYR A 134 -7.44 -5.52 2.44
N LEU A 135 -8.05 -6.72 2.49
CA LEU A 135 -7.90 -7.64 1.37
C LEU A 135 -8.66 -7.17 0.13
N GLU A 136 -9.92 -6.73 0.29
CA GLU A 136 -10.65 -6.23 -0.87
C GLU A 136 -10.11 -4.88 -1.30
N GLU A 137 -9.65 -4.05 -0.35
CA GLU A 137 -8.99 -2.81 -0.75
C GLU A 137 -7.78 -3.10 -1.64
N GLN A 138 -7.02 -4.15 -1.33
CA GLN A 138 -5.88 -4.50 -2.16
C GLN A 138 -6.32 -4.98 -3.54
N VAL A 139 -7.33 -5.85 -3.59
CA VAL A 139 -7.77 -6.38 -4.88
C VAL A 139 -8.28 -5.24 -5.76
N LYS A 140 -9.01 -4.29 -5.17
N LYS A 140 -9.05 -4.31 -5.18
CA LYS A 140 -9.52 -3.15 -5.93
CA LYS A 140 -9.50 -3.15 -5.95
C LYS A 140 -8.37 -2.29 -6.45
C LYS A 140 -8.31 -2.37 -6.49
N SER A 141 -7.33 -2.09 -5.63
CA SER A 141 -6.17 -1.30 -6.04
CA SER A 141 -6.18 -1.30 -6.05
C SER A 141 -5.44 -1.97 -7.19
N ILE A 142 -5.23 -3.28 -7.10
CA ILE A 142 -4.55 -4.03 -8.13
C ILE A 142 -5.34 -3.99 -9.44
N LYS A 143 -6.67 -4.12 -9.38
CA LYS A 143 -7.46 -4.08 -10.59
C LYS A 143 -7.42 -2.70 -11.24
N GLU A 144 -7.49 -1.64 -10.42
CA GLU A 144 -7.43 -0.27 -10.93
C GLU A 144 -6.12 -0.02 -11.62
N LEU A 145 -5.02 -0.40 -10.99
CA LEU A 145 -3.71 -0.18 -11.59
C LEU A 145 -3.53 -1.01 -12.85
N SER A 146 -4.05 -2.25 -12.86
CA SER A 146 -3.99 -3.08 -14.06
C SER A 146 -4.72 -2.38 -15.22
N ASP A 147 -5.91 -1.87 -14.93
CA ASP A 147 -6.67 -1.14 -15.94
C ASP A 147 -5.87 0.07 -16.45
N TYR A 148 -5.21 0.82 -15.55
CA TYR A 148 -4.41 1.96 -15.97
C TYR A 148 -3.23 1.54 -16.83
N VAL A 149 -2.53 0.46 -16.46
CA VAL A 149 -1.41 -0.02 -17.29
C VAL A 149 -1.92 -0.33 -18.70
N THR A 150 -3.03 -1.04 -18.81
CA THR A 150 -3.59 -1.37 -20.11
C THR A 150 -3.86 -0.13 -20.93
N ASN A 151 -4.46 0.87 -20.30
CA ASN A 151 -4.81 2.08 -21.05
C ASN A 151 -3.59 2.94 -21.36
N LEU A 152 -2.58 2.95 -20.49
CA LEU A 152 -1.37 3.69 -20.84
C LEU A 152 -0.64 3.01 -22.01
N LYS A 153 -0.73 1.68 -22.13
CA LYS A 153 -0.22 1.03 -23.34
C LYS A 153 -1.08 1.37 -24.55
N ARG A 154 -2.40 1.39 -24.38
CA ARG A 154 -3.31 1.72 -25.48
C ARG A 154 -3.01 3.09 -26.07
N VAL A 155 -2.83 4.11 -25.21
CA VAL A 155 -2.75 5.48 -25.72
C VAL A 155 -1.36 5.81 -26.25
N GLY A 156 -0.32 5.14 -25.78
CA GLY A 156 1.01 5.40 -26.25
C GLY A 156 1.63 6.63 -25.63
N PRO A 157 2.87 6.91 -26.04
CA PRO A 157 3.61 8.04 -25.48
C PRO A 157 3.12 9.37 -26.04
N GLY A 158 3.65 10.45 -25.46
CA GLY A 158 3.41 11.75 -26.04
C GLY A 158 2.00 12.26 -25.78
N LEU A 159 1.29 12.60 -26.86
CA LEU A 159 -0.06 13.08 -26.67
C LEU A 159 -0.92 12.06 -25.93
N GLY A 160 -0.66 10.77 -26.15
CA GLY A 160 -1.44 9.76 -25.44
C GLY A 160 -1.30 9.87 -23.93
N GLU A 161 -0.07 9.96 -23.45
CA GLU A 161 0.18 10.08 -22.02
C GLU A 161 -0.46 11.36 -21.47
N TYR A 162 -0.32 12.45 -22.22
CA TYR A 162 -0.94 13.71 -21.85
C TYR A 162 -2.46 13.55 -21.71
N MET A 163 -3.10 12.91 -22.68
CA MET A 163 -4.55 12.79 -22.63
C MET A 163 -5.00 11.86 -21.51
N PHE A 164 -4.24 10.79 -21.26
CA PHE A 164 -4.58 9.91 -20.15
C PHE A 164 -4.53 10.67 -18.83
N ASP A 165 -3.51 11.51 -18.66
CA ASP A 165 -3.42 12.33 -17.46
C ASP A 165 -4.62 13.24 -17.32
N LYS A 166 -5.10 13.81 -18.42
CA LYS A 166 -6.26 14.69 -18.40
C LYS A 166 -7.58 13.95 -18.22
N GLU A 167 -7.75 12.79 -18.85
CA GLU A 167 -9.07 12.17 -18.93
C GLU A 167 -9.28 11.04 -17.92
N SER A 168 -8.25 10.26 -17.62
CA SER A 168 -8.37 9.20 -16.63
C SER A 168 -7.94 9.64 -15.24
N LEU A 169 -7.02 10.60 -15.12
CA LEU A 169 -6.54 11.03 -13.81
C LEU A 169 -6.95 12.45 -13.47
N SER A 170 -7.74 13.08 -14.32
CA SER A 170 -8.00 14.53 -14.22
C SER A 170 -6.75 15.33 -13.81
ZN ZN B . -1.61 -0.36 1.93
ZN ZN C . 0.14 18.70 -5.25
ZN ZN D . -1.58 -0.04 -1.41
ZN ZN E . 2.24 -19.12 14.75
ZN ZN F . -9.85 -15.85 7.49
ZN ZN G . -12.79 -15.42 5.89
ZN ZN H . -15.67 -11.88 7.29
ZN ZN I . -12.87 -1.82 11.58
ZN ZN J . -10.68 16.36 -22.60
ZN ZN K . -8.11 5.65 -4.75
ZN ZN L . -7.43 2.04 1.82
ZN ZN M . 18.55 2.79 11.20
CA CA N . 18.54 2.80 11.30
CL CL O . -9.26 -17.37 8.97
C1 PEG P . -5.46 -2.93 -25.43
O1 PEG P . -6.22 -4.11 -25.49
C2 PEG P . -3.98 -3.25 -25.65
O2 PEG P . -3.18 -2.16 -25.27
C3 PEG P . -2.05 -1.98 -26.09
C4 PEG P . -2.46 -1.34 -27.42
O4 PEG P . -1.38 -0.64 -27.98
H11 PEG P . -5.76 -2.31 -26.13
H12 PEG P . -5.58 -2.51 -24.57
HO1 PEG P . -6.19 -4.42 -26.28
H21 PEG P . -3.75 -4.02 -25.10
H22 PEG P . -3.84 -3.45 -26.58
H31 PEG P . -1.63 -2.83 -26.26
H32 PEG P . -1.41 -1.40 -25.63
H41 PEG P . -3.20 -0.73 -27.27
H42 PEG P . -2.74 -2.04 -28.03
HO4 PEG P . -1.48 -0.60 -28.82
C1 PEG Q . 14.11 -0.68 7.71
O1 PEG Q . 13.02 -1.50 7.55
C2 PEG Q . 15.42 -1.43 8.00
O2 PEG Q . 15.17 -2.35 9.04
C3 PEG Q . 15.69 -2.06 10.29
C4 PEG Q . 15.15 -0.71 10.69
O4 PEG Q . 15.23 -0.40 12.00
H11 PEG Q . 13.93 -0.08 8.46
H12 PEG Q . 14.23 -0.15 6.90
HO1 PEG Q . 12.74 -1.44 6.75
H21 PEG Q . 16.11 -0.80 8.28
H22 PEG Q . 15.72 -1.91 7.21
H31 PEG Q . 16.67 -2.02 10.24
H32 PEG Q . 15.42 -2.73 10.93
H41 PEG Q . 14.22 -0.67 10.43
H42 PEG Q . 15.63 -0.02 10.20
HO4 PEG Q . 15.53 0.40 12.09
C1 EDO R . 17.74 -1.24 14.95
O1 EDO R . 17.36 -0.40 13.91
C2 EDO R . 18.13 -2.62 14.41
O2 EDO R . 18.86 -3.38 15.31
H11 EDO R . 18.51 -0.86 15.42
H12 EDO R . 17.01 -1.33 15.58
HO1 EDO R . 16.52 -0.28 13.93
H21 EDO R . 17.31 -3.11 14.19
H22 EDO R . 18.65 -2.51 13.60
HO2 EDO R . 19.22 -4.04 14.91
#